data_4RQT
#
_entry.id   4RQT
#
_cell.length_a   103.604
_cell.length_b   103.604
_cell.length_c   168.127
_cell.angle_alpha   90.00
_cell.angle_beta   90.00
_cell.angle_gamma   120.00
#
_symmetry.space_group_name_H-M   'P 61 2 2'
#
loop_
_entity.id
_entity.type
_entity.pdbx_description
1 polymer 'Alcohol dehydrogenase class-P'
2 non-polymer 'ZINC ION'
3 non-polymer 'SULFATE ION'
4 non-polymer 'ACETIC ACID'
5 water water
#
_entity_poly.entity_id   1
_entity_poly.type   'polypeptide(L)'
_entity_poly.pdbx_seq_one_letter_code
;SQIIRCKAAVAWEAGKPLVIEEVEVAPPQKHEVRIKILFTSLCHTDVYFWEAKGQTPLFPRIFGHEAGGIVESVGEGVTD
LQPGDHVLPIFTGECGECRHCHSEESNMCDLLRINTERGGMIHDGESRFSINGKPIYHFLGTSTFSEYTVVHSGQVAKIN
PDAPLDKVCIVSCGLSTGLGATLNVAKPKKGQSVAIFGLGAVGLGAAEGARIAGASRIIGVDFNSKRFDQAKEFGVTECV
NPKDHDKPIQQVIAEMTDGGVDRSVECTGSVQAMIQAFECVHDGWGVAVLVGVPSKDDAFKTHPMNFLNERTLKGTFFGN
YKPKTDIPGVVEKYMNKELELEKFITHTVPFSEINKAFDYMLKGESIRCIITMGA
;
_entity_poly.pdbx_strand_id   A
#
loop_
_chem_comp.id
_chem_comp.type
_chem_comp.name
_chem_comp.formula
ACY non-polymer 'ACETIC ACID' 'C2 H4 O2'
SO4 non-polymer 'SULFATE ION' 'O4 S -2'
ZN non-polymer 'ZINC ION' 'Zn 2'
#
# COMPACT_ATOMS: atom_id res chain seq x y z
N SER A 1 30.67 5.70 9.81
CA SER A 1 29.82 5.81 8.63
C SER A 1 29.90 7.24 8.09
N GLN A 2 29.86 7.38 6.78
CA GLN A 2 30.16 8.66 6.12
C GLN A 2 29.04 9.01 5.14
N ILE A 3 29.29 9.93 4.22
CA ILE A 3 28.26 10.39 3.28
C ILE A 3 28.33 9.66 1.93
N ILE A 4 27.17 9.27 1.41
CA ILE A 4 27.11 8.55 0.13
C ILE A 4 26.62 9.45 -0.99
N ARG A 5 27.31 9.38 -2.12
CA ARG A 5 26.89 10.07 -3.33
C ARG A 5 26.30 9.00 -4.26
N CYS A 6 25.03 9.17 -4.63
CA CYS A 6 24.34 8.16 -5.45
C CYS A 6 23.29 8.81 -6.33
N LYS A 7 22.56 8.00 -7.09
CA LYS A 7 21.50 8.50 -7.95
C LYS A 7 20.15 8.41 -7.24
N ALA A 8 19.32 9.43 -7.44
CA ALA A 8 17.95 9.42 -6.96
C ALA A 8 17.04 10.06 -8.00
N ALA A 9 15.79 9.62 -8.05
CA ALA A 9 14.81 10.23 -8.94
C ALA A 9 14.08 11.33 -8.19
N VAL A 10 14.44 12.58 -8.51
CA VAL A 10 13.93 13.73 -7.78
C VAL A 10 12.75 14.39 -8.48
N ALA A 11 11.70 14.67 -7.72
CA ALA A 11 10.60 15.48 -8.21
C ALA A 11 10.81 16.93 -7.79
N TRP A 12 11.07 17.80 -8.77
CA TRP A 12 11.33 19.20 -8.51
C TRP A 12 10.06 20.03 -8.50
N GLU A 13 9.02 19.50 -9.13
CA GLU A 13 7.81 20.29 -9.38
C GLU A 13 6.62 19.35 -9.62
N ALA A 14 5.46 19.75 -9.12
CA ALA A 14 4.26 18.92 -9.22
C ALA A 14 3.98 18.48 -10.65
N GLY A 15 3.62 17.21 -10.81
CA GLY A 15 3.19 16.68 -12.09
C GLY A 15 4.22 16.67 -13.20
N LYS A 16 5.46 17.02 -12.89
CA LYS A 16 6.52 17.02 -13.89
C LYS A 16 7.33 15.73 -13.79
N PRO A 17 7.93 15.29 -14.91
CA PRO A 17 8.72 14.06 -14.90
C PRO A 17 9.85 14.12 -13.88
N LEU A 18 10.11 13.01 -13.19
CA LEU A 18 11.23 12.94 -12.27
C LEU A 18 12.54 13.09 -13.04
N VAL A 19 13.54 13.62 -12.35
CA VAL A 19 14.86 13.79 -12.93
C VAL A 19 15.87 13.00 -12.12
N ILE A 20 16.64 12.14 -12.79
CA ILE A 20 17.69 11.41 -12.11
C ILE A 20 18.82 12.38 -11.76
N GLU A 21 19.07 12.53 -10.47
CA GLU A 21 20.09 13.45 -9.98
C GLU A 21 21.13 12.67 -9.17
N GLU A 22 22.33 13.21 -9.09
CA GLU A 22 23.30 12.75 -8.13
C GLU A 22 23.03 13.47 -6.82
N VAL A 23 22.69 12.71 -5.78
CA VAL A 23 22.35 13.30 -4.49
C VAL A 23 23.30 12.77 -3.43
N GLU A 24 23.32 13.45 -2.29
CA GLU A 24 24.12 12.99 -1.17
C GLU A 24 23.23 12.50 -0.04
N VAL A 25 23.56 11.32 0.48
CA VAL A 25 22.77 10.66 1.50
C VAL A 25 23.58 10.59 2.78
N ALA A 26 23.16 11.33 3.79
CA ALA A 26 23.88 11.40 5.05
C ALA A 26 23.83 10.06 5.78
N PRO A 27 24.76 9.85 6.73
CA PRO A 27 24.73 8.60 7.49
C PRO A 27 23.57 8.55 8.48
N PRO A 28 23.15 7.34 8.87
CA PRO A 28 22.00 7.17 9.76
C PRO A 28 22.30 7.62 11.19
N GLN A 29 21.33 8.29 11.79
CA GLN A 29 21.46 8.75 13.17
C GLN A 29 20.79 7.72 14.08
N LYS A 30 20.61 8.07 15.35
CA LYS A 30 20.06 7.12 16.32
C LYS A 30 18.77 6.47 15.80
N HIS A 31 18.72 5.15 15.89
CA HIS A 31 17.55 4.34 15.51
C HIS A 31 17.22 4.39 14.02
N GLU A 32 18.14 4.93 13.21
CA GLU A 32 17.95 4.95 11.77
C GLU A 32 18.81 3.88 11.11
N VAL A 33 18.40 3.46 9.92
CA VAL A 33 19.20 2.56 9.10
C VAL A 33 19.30 3.11 7.70
N ARG A 34 20.42 2.84 7.06
CA ARG A 34 20.64 3.28 5.69
C ARG A 34 20.58 2.04 4.81
N ILE A 35 19.76 2.11 3.77
CA ILE A 35 19.45 0.93 2.97
C ILE A 35 19.82 1.12 1.51
N LYS A 36 20.45 0.10 0.92
CA LYS A 36 20.67 0.07 -0.51
C LYS A 36 19.43 -0.53 -1.16
N ILE A 37 18.76 0.27 -1.98
CA ILE A 37 17.53 -0.17 -2.63
C ILE A 37 17.87 -0.95 -3.89
N LEU A 38 17.32 -2.16 -4.01
CA LEU A 38 17.55 -2.98 -5.20
C LEU A 38 16.37 -2.95 -6.15
N PHE A 39 15.16 -2.98 -5.59
CA PHE A 39 13.96 -2.94 -6.40
C PHE A 39 12.89 -2.11 -5.69
N THR A 40 12.16 -1.32 -6.47
CA THR A 40 11.08 -0.51 -5.94
C THR A 40 9.96 -0.45 -6.96
N SER A 41 8.76 -0.12 -6.53
CA SER A 41 7.63 0.02 -7.45
C SER A 41 6.80 1.25 -7.14
N LEU A 42 5.84 1.52 -8.02
CA LEU A 42 5.02 2.72 -7.92
C LEU A 42 3.63 2.41 -7.39
N CYS A 43 3.16 3.25 -6.47
CA CYS A 43 1.85 3.11 -5.87
C CYS A 43 1.04 4.38 -6.14
N HIS A 44 -0.28 4.24 -6.25
CA HIS A 44 -1.13 5.38 -6.56
C HIS A 44 -0.88 6.54 -5.61
N THR A 45 -0.45 6.22 -4.39
CA THR A 45 -0.21 7.23 -3.37
C THR A 45 0.99 8.11 -3.73
N ASP A 46 2.04 7.50 -4.28
CA ASP A 46 3.17 8.27 -4.78
C ASP A 46 2.69 9.27 -5.82
N VAL A 47 1.86 8.78 -6.74
CA VAL A 47 1.37 9.60 -7.85
C VAL A 47 0.49 10.74 -7.35
N TYR A 48 -0.38 10.45 -6.39
CA TYR A 48 -1.29 11.44 -5.84
C TYR A 48 -0.53 12.65 -5.26
N PHE A 49 0.52 12.38 -4.50
CA PHE A 49 1.30 13.45 -3.88
C PHE A 49 2.28 14.10 -4.86
N TRP A 50 2.67 13.34 -5.88
CA TRP A 50 3.51 13.86 -6.96
C TRP A 50 2.74 14.86 -7.82
N GLU A 51 1.46 14.60 -8.05
CA GLU A 51 0.59 15.54 -8.75
C GLU A 51 0.23 16.70 -7.83
N ALA A 52 0.46 16.51 -6.53
CA ALA A 52 0.08 17.50 -5.53
C ALA A 52 -1.42 17.77 -5.65
N LYS A 53 -2.18 16.69 -5.82
CA LYS A 53 -3.61 16.79 -6.04
C LYS A 53 -4.32 17.56 -4.93
N GLY A 54 -4.25 17.04 -3.71
CA GLY A 54 -4.93 17.66 -2.59
C GLY A 54 -4.04 18.28 -1.54
N GLN A 55 -3.12 17.48 -0.99
CA GLN A 55 -2.39 17.89 0.21
C GLN A 55 -1.54 19.13 0.04
N THR A 56 -0.95 19.55 1.15
CA THR A 56 0.05 20.59 1.15
C THR A 56 1.22 20.08 0.32
N PRO A 57 1.47 20.71 -0.83
CA PRO A 57 2.56 20.26 -1.70
C PRO A 57 3.94 20.53 -1.12
N LEU A 58 4.83 19.55 -1.24
CA LEU A 58 6.21 19.71 -0.76
C LEU A 58 7.21 19.25 -1.82
N PHE A 59 8.03 20.19 -2.27
CA PHE A 59 9.05 19.90 -3.29
C PHE A 59 10.29 20.73 -2.97
N PRO A 60 11.47 20.24 -3.37
CA PRO A 60 11.71 18.99 -4.10
C PRO A 60 11.57 17.78 -3.19
N ARG A 61 11.29 16.63 -3.78
CA ARG A 61 10.99 15.44 -2.98
C ARG A 61 11.35 14.14 -3.69
N ILE A 62 11.75 13.16 -2.90
CA ILE A 62 11.98 11.80 -3.40
C ILE A 62 10.87 10.89 -2.93
N PHE A 63 10.05 10.44 -3.87
CA PHE A 63 8.91 9.61 -3.57
C PHE A 63 9.29 8.13 -3.51
N GLY A 64 8.31 7.25 -3.39
CA GLY A 64 8.55 5.82 -3.34
C GLY A 64 8.47 5.25 -1.93
N HIS A 65 7.64 4.23 -1.75
CA HIS A 65 7.54 3.55 -0.46
C HIS A 65 7.37 2.02 -0.57
N GLU A 66 7.31 1.50 -1.79
CA GLU A 66 7.31 0.06 -2.00
C GLU A 66 8.67 -0.37 -2.53
N ALA A 67 9.44 -1.12 -1.74
CA ALA A 67 10.79 -1.48 -2.15
C ALA A 67 11.34 -2.67 -1.38
N GLY A 68 12.39 -3.26 -1.96
CA GLY A 68 13.16 -4.31 -1.33
C GLY A 68 14.62 -3.93 -1.43
N GLY A 69 15.38 -4.13 -0.36
CA GLY A 69 16.76 -3.70 -0.34
C GLY A 69 17.59 -4.39 0.73
N ILE A 70 18.82 -3.91 0.88
CA ILE A 70 19.78 -4.51 1.79
C ILE A 70 20.38 -3.43 2.69
N VAL A 71 20.44 -3.70 3.99
CA VAL A 71 20.98 -2.75 4.94
C VAL A 71 22.46 -2.48 4.70
N GLU A 72 22.83 -1.20 4.57
CA GLU A 72 24.22 -0.82 4.33
C GLU A 72 24.89 -0.43 5.64
N SER A 73 24.15 0.22 6.53
CA SER A 73 24.64 0.54 7.87
C SER A 73 23.50 0.92 8.79
N VAL A 74 23.77 0.88 10.09
CA VAL A 74 22.75 1.21 11.10
C VAL A 74 23.30 2.26 12.04
N GLY A 75 22.41 3.07 12.62
CA GLY A 75 22.80 4.10 13.55
C GLY A 75 22.84 3.52 14.96
N GLU A 76 23.19 4.36 15.94
CA GLU A 76 23.29 3.87 17.31
C GLU A 76 21.92 3.45 17.83
N GLY A 77 21.93 2.43 18.69
CA GLY A 77 20.71 1.94 19.29
C GLY A 77 19.96 0.89 18.47
N VAL A 78 20.41 0.63 17.25
CA VAL A 78 19.77 -0.38 16.40
C VAL A 78 20.33 -1.76 16.70
N THR A 79 19.47 -2.66 17.17
CA THR A 79 19.90 -4.02 17.53
C THR A 79 19.21 -5.11 16.72
N ASP A 80 18.05 -4.80 16.14
CA ASP A 80 17.28 -5.83 15.45
C ASP A 80 17.66 -5.92 13.96
N LEU A 81 18.57 -5.06 13.53
CA LEU A 81 19.02 -5.06 12.14
C LEU A 81 20.53 -4.90 12.06
N GLN A 82 21.12 -5.51 11.04
CA GLN A 82 22.55 -5.35 10.79
C GLN A 82 22.84 -5.31 9.30
N PRO A 83 24.01 -4.75 8.93
CA PRO A 83 24.43 -4.66 7.53
C PRO A 83 24.34 -6.04 6.85
N GLY A 84 23.74 -6.08 5.67
CA GLY A 84 23.57 -7.33 4.95
C GLY A 84 22.17 -7.91 5.03
N ASP A 85 21.40 -7.48 6.02
CA ASP A 85 20.03 -7.97 6.17
C ASP A 85 19.15 -7.54 5.00
N HIS A 86 18.30 -8.45 4.54
CA HIS A 86 17.32 -8.15 3.51
C HIS A 86 16.10 -7.52 4.17
N VAL A 87 15.64 -6.40 3.63
CA VAL A 87 14.57 -5.64 4.29
C VAL A 87 13.53 -5.06 3.34
N LEU A 88 12.35 -4.81 3.89
CA LEU A 88 11.32 -4.03 3.22
C LEU A 88 11.04 -2.77 4.04
N PRO A 89 11.21 -1.59 3.43
CA PRO A 89 10.77 -0.37 4.10
C PRO A 89 9.25 -0.28 4.09
N ILE A 90 8.66 0.16 5.20
CA ILE A 90 7.20 0.31 5.26
C ILE A 90 6.83 1.76 5.56
N PHE A 91 5.76 2.24 4.93
CA PHE A 91 5.37 3.65 5.02
C PHE A 91 4.84 4.03 6.40
N THR A 92 4.64 3.04 7.25
CA THR A 92 4.15 3.26 8.59
C THR A 92 4.80 2.21 9.48
N GLY A 93 5.10 2.57 10.72
CA GLY A 93 6.00 1.77 11.53
C GLY A 93 5.40 1.10 12.74
N GLU A 94 6.27 0.40 13.48
CA GLU A 94 5.88 -0.32 14.68
C GLU A 94 6.99 -0.18 15.71
N CYS A 95 6.81 0.76 16.63
CA CYS A 95 7.83 1.02 17.65
C CYS A 95 7.89 -0.14 18.63
N GLY A 96 6.75 -0.82 18.79
CA GLY A 96 6.71 -2.02 19.60
C GLY A 96 6.52 -1.79 21.09
N GLU A 97 6.44 -0.53 21.52
CA GLU A 97 6.36 -0.23 22.94
C GLU A 97 5.35 0.87 23.34
N CYS A 98 4.52 1.29 22.41
CA CYS A 98 3.47 2.27 22.72
C CYS A 98 2.15 1.56 22.99
N ARG A 99 1.11 2.31 23.38
CA ARG A 99 -0.17 1.67 23.70
C ARG A 99 -0.76 0.96 22.50
N HIS A 100 -0.65 1.56 21.32
CA HIS A 100 -1.24 0.95 20.13
C HIS A 100 -0.49 -0.32 19.73
N CYS A 101 0.84 -0.29 19.81
CA CYS A 101 1.64 -1.47 19.52
C CYS A 101 1.40 -2.61 20.52
N HIS A 102 1.15 -2.28 21.78
CA HIS A 102 0.90 -3.29 22.79
C HIS A 102 -0.47 -3.96 22.60
N SER A 103 -1.38 -3.26 21.92
CA SER A 103 -2.71 -3.80 21.71
C SER A 103 -2.70 -4.90 20.67
N GLU A 104 -3.62 -5.85 20.82
CA GLU A 104 -3.76 -6.96 19.91
C GLU A 104 -4.51 -6.52 18.66
N GLU A 105 -5.28 -5.45 18.81
CA GLU A 105 -6.23 -5.04 17.78
C GLU A 105 -5.68 -4.04 16.77
N SER A 106 -4.81 -3.13 17.23
CA SER A 106 -4.39 -1.99 16.40
C SER A 106 -2.95 -2.01 15.94
N ASN A 107 -2.73 -1.47 14.74
CA ASN A 107 -1.40 -1.29 14.17
C ASN A 107 -1.07 0.19 13.96
N MET A 108 -1.73 1.07 14.70
CA MET A 108 -1.54 2.52 14.55
C MET A 108 -0.57 3.06 15.59
N CYS A 109 0.70 2.76 15.40
CA CYS A 109 1.77 3.17 16.31
C CYS A 109 1.77 4.68 16.58
N ASP A 110 1.82 5.04 17.86
CA ASP A 110 1.82 6.45 18.26
C ASP A 110 3.11 7.18 17.86
N LEU A 111 4.17 6.41 17.60
CA LEU A 111 5.47 7.00 17.29
C LEU A 111 5.66 7.13 15.78
N LEU A 112 5.23 6.11 15.06
CA LEU A 112 5.68 5.89 13.69
C LEU A 112 4.55 5.81 12.66
N ARG A 113 3.37 6.28 13.01
CA ARG A 113 2.25 6.15 12.07
C ARG A 113 2.41 7.10 10.90
N ILE A 114 1.82 6.73 9.77
CA ILE A 114 1.97 7.46 8.52
C ILE A 114 1.84 8.96 8.71
N ASN A 115 2.73 9.70 8.05
CA ASN A 115 2.68 11.15 8.02
C ASN A 115 3.13 11.63 6.64
N THR A 116 2.18 12.21 5.91
CA THR A 116 2.42 12.56 4.51
C THR A 116 2.99 13.96 4.34
N GLU A 117 2.96 14.77 5.40
CA GLU A 117 3.46 16.14 5.35
C GLU A 117 4.96 16.22 5.65
N ARG A 118 5.44 15.28 6.47
CA ARG A 118 6.79 15.35 7.01
C ARG A 118 7.85 15.12 5.93
N GLY A 119 8.80 16.05 5.84
CA GLY A 119 9.86 15.97 4.86
C GLY A 119 11.20 15.57 5.45
N GLY A 120 11.29 15.53 6.78
CA GLY A 120 12.52 15.18 7.44
C GLY A 120 12.38 13.96 8.36
N MET A 121 13.50 13.58 8.98
CA MET A 121 13.51 12.45 9.91
C MET A 121 13.02 12.84 11.29
N ILE A 122 12.54 11.85 12.03
CA ILE A 122 12.08 12.03 13.40
C ILE A 122 13.15 12.61 14.32
N HIS A 123 14.34 12.02 14.28
CA HIS A 123 15.37 12.35 15.25
C HIS A 123 15.60 13.84 15.36
N ASP A 124 15.73 14.52 14.22
CA ASP A 124 16.17 15.91 14.21
C ASP A 124 15.37 16.83 13.27
N GLY A 125 14.34 16.30 12.62
CA GLY A 125 13.51 17.09 11.74
C GLY A 125 14.17 17.44 10.41
N GLU A 126 15.37 16.92 10.17
CA GLU A 126 16.11 17.25 8.95
C GLU A 126 16.04 16.13 7.92
N SER A 127 16.27 16.49 6.66
CA SER A 127 16.44 15.51 5.60
C SER A 127 17.90 15.03 5.56
N ARG A 128 18.05 13.74 5.30
CA ARG A 128 19.33 13.12 4.99
C ARG A 128 19.73 13.25 3.52
N PHE A 129 18.83 13.76 2.68
CA PHE A 129 19.14 13.95 1.27
C PHE A 129 19.51 15.41 1.01
N SER A 130 20.49 15.64 0.15
CA SER A 130 20.78 17.00 -0.28
C SER A 130 21.39 17.05 -1.67
N ILE A 131 21.21 18.20 -2.33
CA ILE A 131 21.88 18.51 -3.59
C ILE A 131 22.41 19.92 -3.47
N ASN A 132 23.71 20.10 -3.73
CA ASN A 132 24.37 21.39 -3.57
C ASN A 132 24.02 22.08 -2.25
N GLY A 133 23.93 21.30 -1.17
CA GLY A 133 23.71 21.85 0.16
C GLY A 133 22.27 22.22 0.44
N LYS A 134 21.36 21.86 -0.46
CA LYS A 134 19.94 22.12 -0.28
C LYS A 134 19.18 20.82 -0.06
N PRO A 135 18.21 20.84 0.87
CA PRO A 135 17.46 19.62 1.22
C PRO A 135 16.57 19.11 0.10
N ILE A 136 16.58 17.78 -0.09
CA ILE A 136 15.57 17.10 -0.89
C ILE A 136 14.73 16.32 0.12
N TYR A 137 13.42 16.54 0.11
CA TYR A 137 12.58 16.06 1.20
C TYR A 137 12.19 14.59 1.11
N HIS A 138 11.97 13.99 2.28
CA HIS A 138 11.53 12.61 2.37
C HIS A 138 10.06 12.47 2.07
N PHE A 139 9.65 11.23 1.81
CA PHE A 139 8.25 10.90 1.63
C PHE A 139 7.93 9.64 2.44
N LEU A 140 7.02 9.79 3.41
CA LEU A 140 6.58 8.69 4.26
C LEU A 140 7.74 8.04 5.02
N GLY A 141 8.83 8.77 5.19
CA GLY A 141 9.99 8.26 5.89
C GLY A 141 10.66 7.10 5.17
N THR A 142 10.34 6.90 3.90
CA THR A 142 10.92 5.80 3.13
C THR A 142 11.72 6.28 1.91
N SER A 143 11.14 7.17 1.10
CA SER A 143 11.80 7.68 -0.09
C SER A 143 12.65 6.62 -0.80
N THR A 144 12.00 5.67 -1.45
CA THR A 144 12.70 4.53 -2.03
C THR A 144 13.13 4.72 -3.48
N PHE A 145 12.79 5.86 -4.08
CA PHE A 145 13.25 6.15 -5.43
C PHE A 145 14.67 6.74 -5.40
N SER A 146 15.55 6.03 -4.70
CA SER A 146 16.94 6.44 -4.56
C SER A 146 17.75 5.17 -4.36
N GLU A 147 18.97 5.14 -4.89
CA GLU A 147 19.82 3.97 -4.78
C GLU A 147 20.12 3.67 -3.31
N TYR A 148 20.14 4.73 -2.51
CA TYR A 148 20.29 4.60 -1.07
C TYR A 148 19.31 5.51 -0.37
N THR A 149 18.73 5.03 0.72
CA THR A 149 17.83 5.85 1.53
C THR A 149 18.04 5.59 3.01
N VAL A 150 17.52 6.50 3.83
CA VAL A 150 17.64 6.37 5.28
C VAL A 150 16.25 6.29 5.89
N VAL A 151 16.06 5.31 6.78
CA VAL A 151 14.74 5.00 7.29
C VAL A 151 14.80 4.63 8.76
N HIS A 152 13.83 5.09 9.53
CA HIS A 152 13.71 4.73 10.93
C HIS A 152 13.54 3.20 11.03
N SER A 153 14.23 2.58 11.98
CA SER A 153 14.28 1.12 12.06
C SER A 153 12.90 0.48 12.30
N GLY A 154 12.08 1.12 13.13
CA GLY A 154 10.69 0.77 13.27
C GLY A 154 9.89 0.68 11.98
N GLN A 155 10.41 1.27 10.91
CA GLN A 155 9.76 1.20 9.60
C GLN A 155 10.49 0.25 8.65
N VAL A 156 11.35 -0.59 9.20
CA VAL A 156 12.15 -1.50 8.38
C VAL A 156 11.93 -2.95 8.79
N ALA A 157 11.30 -3.72 7.92
CA ALA A 157 10.97 -5.11 8.20
C ALA A 157 12.04 -6.06 7.66
N LYS A 158 12.77 -6.70 8.57
CA LYS A 158 13.73 -7.73 8.17
C LYS A 158 12.97 -8.96 7.69
N ILE A 159 13.32 -9.44 6.49
CA ILE A 159 12.62 -10.59 5.93
C ILE A 159 13.58 -11.73 5.56
N ASN A 160 12.99 -12.84 5.16
CA ASN A 160 13.74 -14.01 4.73
C ASN A 160 14.74 -13.65 3.63
N PRO A 161 16.04 -13.90 3.87
CA PRO A 161 17.06 -13.46 2.92
C PRO A 161 17.04 -14.21 1.59
N ASP A 162 16.30 -15.31 1.54
CA ASP A 162 16.17 -16.09 0.30
C ASP A 162 15.01 -15.60 -0.57
N ALA A 163 14.12 -14.80 0.00
CA ALA A 163 13.01 -14.25 -0.75
C ALA A 163 13.55 -13.28 -1.81
N PRO A 164 13.05 -13.40 -3.05
CA PRO A 164 13.48 -12.53 -4.14
C PRO A 164 12.92 -11.11 -4.01
N LEU A 165 13.83 -10.15 -3.78
CA LEU A 165 13.45 -8.78 -3.51
C LEU A 165 12.69 -8.12 -4.67
N ASP A 166 12.88 -8.62 -5.89
CA ASP A 166 12.20 -8.04 -7.05
C ASP A 166 10.76 -8.55 -7.18
N LYS A 167 10.32 -9.38 -6.25
CA LYS A 167 8.93 -9.83 -6.21
C LYS A 167 8.22 -9.31 -4.96
N VAL A 168 8.87 -9.48 -3.81
CA VAL A 168 8.24 -9.19 -2.53
C VAL A 168 8.27 -7.71 -2.16
N CYS A 169 8.89 -6.88 -2.99
CA CYS A 169 8.87 -5.43 -2.76
C CYS A 169 7.44 -4.87 -2.77
N ILE A 170 6.55 -5.49 -3.53
CA ILE A 170 5.16 -5.03 -3.60
C ILE A 170 4.37 -5.37 -2.35
N VAL A 171 4.94 -6.21 -1.49
CA VAL A 171 4.28 -6.60 -0.25
C VAL A 171 4.26 -5.48 0.78
N SER A 172 5.07 -4.44 0.56
CA SER A 172 5.24 -3.41 1.58
C SER A 172 4.15 -2.34 1.60
N CYS A 173 3.23 -2.36 0.63
CA CYS A 173 2.08 -1.45 0.72
C CYS A 173 0.76 -2.01 0.16
N GLY A 174 0.54 -1.82 -1.14
CA GLY A 174 -0.78 -1.97 -1.73
C GLY A 174 -1.38 -3.35 -1.54
N LEU A 175 -0.64 -4.36 -1.99
CA LEU A 175 -1.09 -5.74 -1.95
C LEU A 175 -1.47 -6.17 -0.53
N SER A 176 -0.61 -5.84 0.43
CA SER A 176 -0.81 -6.24 1.83
C SER A 176 -1.96 -5.49 2.46
N THR A 177 -2.20 -4.27 2.00
CA THR A 177 -3.30 -3.46 2.50
C THR A 177 -4.63 -4.15 2.19
N GLY A 178 -4.77 -4.63 0.96
CA GLY A 178 -5.95 -5.34 0.54
C GLY A 178 -6.04 -6.74 1.14
N LEU A 179 -4.95 -7.49 1.04
CA LEU A 179 -4.88 -8.84 1.56
C LEU A 179 -5.33 -8.89 3.02
N GLY A 180 -4.79 -7.99 3.82
CA GLY A 180 -5.11 -7.93 5.24
C GLY A 180 -6.51 -7.40 5.52
N ALA A 181 -6.96 -6.46 4.69
CA ALA A 181 -8.31 -5.93 4.83
C ALA A 181 -9.30 -7.10 4.80
N THR A 182 -9.02 -8.08 3.94
CA THR A 182 -9.88 -9.25 3.81
C THR A 182 -9.61 -10.28 4.91
N LEU A 183 -8.34 -10.68 5.04
CA LEU A 183 -7.99 -11.80 5.92
C LEU A 183 -8.04 -11.48 7.41
N ASN A 184 -7.76 -10.22 7.77
CA ASN A 184 -7.70 -9.84 9.18
C ASN A 184 -8.96 -9.13 9.68
N VAL A 185 -9.68 -8.48 8.77
CA VAL A 185 -10.77 -7.60 9.18
C VAL A 185 -12.14 -8.09 8.68
N ALA A 186 -12.28 -8.29 7.38
CA ALA A 186 -13.52 -8.82 6.83
C ALA A 186 -13.75 -10.24 7.34
N LYS A 187 -12.72 -11.06 7.27
CA LYS A 187 -12.76 -12.44 7.75
C LYS A 187 -13.97 -13.19 7.20
N PRO A 188 -14.00 -13.37 5.88
CA PRO A 188 -15.02 -14.18 5.20
C PRO A 188 -14.85 -15.66 5.51
N LYS A 189 -15.96 -16.34 5.80
CA LYS A 189 -15.94 -17.78 6.04
C LYS A 189 -15.96 -18.51 4.71
N LYS A 190 -15.57 -19.78 4.73
CA LYS A 190 -15.59 -20.61 3.52
C LYS A 190 -16.99 -20.62 2.93
N GLY A 191 -17.09 -20.38 1.62
CA GLY A 191 -18.35 -20.46 0.92
C GLY A 191 -19.08 -19.13 0.75
N GLN A 192 -18.63 -18.11 1.46
CA GLN A 192 -19.35 -16.82 1.47
C GLN A 192 -19.09 -16.01 0.21
N SER A 193 -19.90 -14.95 0.04
CA SER A 193 -19.76 -14.05 -1.10
C SER A 193 -19.11 -12.74 -0.67
N VAL A 194 -18.31 -12.18 -1.56
CA VAL A 194 -17.57 -10.96 -1.26
C VAL A 194 -17.68 -9.97 -2.42
N ALA A 195 -17.90 -8.70 -2.10
CA ALA A 195 -17.85 -7.65 -3.09
C ALA A 195 -16.63 -6.78 -2.86
N ILE A 196 -15.90 -6.49 -3.93
CA ILE A 196 -14.69 -5.68 -3.83
C ILE A 196 -14.80 -4.48 -4.75
N PHE A 197 -14.79 -3.29 -4.14
CA PHE A 197 -14.86 -2.04 -4.89
C PHE A 197 -13.46 -1.51 -5.16
N GLY A 198 -13.05 -1.53 -6.43
CA GLY A 198 -11.73 -1.09 -6.82
C GLY A 198 -10.89 -2.29 -7.22
N LEU A 199 -10.29 -2.22 -8.41
CA LEU A 199 -9.53 -3.35 -8.94
C LEU A 199 -8.08 -2.97 -9.22
N GLY A 200 -7.54 -2.05 -8.43
CA GLY A 200 -6.12 -1.79 -8.42
C GLY A 200 -5.43 -2.81 -7.54
N ALA A 201 -4.20 -2.51 -7.11
CA ALA A 201 -3.41 -3.46 -6.32
C ALA A 201 -4.08 -3.79 -4.98
N VAL A 202 -4.69 -2.78 -4.35
CA VAL A 202 -5.35 -2.99 -3.07
C VAL A 202 -6.55 -3.93 -3.27
N GLY A 203 -7.41 -3.59 -4.21
CA GLY A 203 -8.55 -4.44 -4.53
C GLY A 203 -8.17 -5.86 -4.91
N LEU A 204 -7.15 -6.01 -5.74
CA LEU A 204 -6.71 -7.33 -6.20
C LEU A 204 -6.05 -8.11 -5.06
N GLY A 205 -5.47 -7.39 -4.10
CA GLY A 205 -4.98 -8.01 -2.89
C GLY A 205 -6.14 -8.50 -2.05
N ALA A 206 -7.20 -7.70 -1.99
CA ALA A 206 -8.41 -8.04 -1.25
C ALA A 206 -9.07 -9.27 -1.86
N ALA A 207 -9.15 -9.29 -3.18
CA ALA A 207 -9.71 -10.44 -3.91
C ALA A 207 -8.87 -11.67 -3.65
N GLU A 208 -7.55 -11.53 -3.77
CA GLU A 208 -6.63 -12.62 -3.53
C GLU A 208 -6.82 -13.17 -2.12
N GLY A 209 -7.08 -12.29 -1.17
CA GLY A 209 -7.34 -12.70 0.19
C GLY A 209 -8.64 -13.49 0.31
N ALA A 210 -9.66 -13.04 -0.41
CA ALA A 210 -10.95 -13.73 -0.40
C ALA A 210 -10.84 -15.12 -1.03
N ARG A 211 -10.01 -15.22 -2.07
CA ARG A 211 -9.77 -16.51 -2.70
C ARG A 211 -9.09 -17.45 -1.71
N ILE A 212 -8.06 -16.94 -1.06
CA ILE A 212 -7.32 -17.70 -0.06
C ILE A 212 -8.23 -18.15 1.08
N ALA A 213 -9.20 -17.31 1.44
CA ALA A 213 -10.14 -17.63 2.51
C ALA A 213 -11.23 -18.61 2.08
N GLY A 214 -11.33 -18.90 0.78
CA GLY A 214 -12.28 -19.86 0.28
C GLY A 214 -13.65 -19.29 -0.02
N ALA A 215 -13.71 -18.00 -0.31
CA ALA A 215 -14.95 -17.37 -0.76
C ALA A 215 -15.41 -18.07 -2.04
N SER A 216 -16.71 -18.34 -2.15
CA SER A 216 -17.25 -19.03 -3.33
C SER A 216 -17.66 -18.04 -4.42
N ARG A 217 -17.84 -16.78 -4.06
CA ARG A 217 -18.23 -15.76 -5.02
C ARG A 217 -17.57 -14.42 -4.70
N ILE A 218 -16.83 -13.90 -5.66
CA ILE A 218 -16.10 -12.65 -5.49
C ILE A 218 -16.44 -11.69 -6.62
N ILE A 219 -17.19 -10.64 -6.29
CA ILE A 219 -17.69 -9.71 -7.27
C ILE A 219 -16.86 -8.43 -7.30
N GLY A 220 -16.24 -8.17 -8.44
CA GLY A 220 -15.41 -6.99 -8.60
C GLY A 220 -16.19 -5.82 -9.17
N VAL A 221 -16.04 -4.66 -8.54
CA VAL A 221 -16.70 -3.45 -8.99
C VAL A 221 -15.68 -2.38 -9.32
N ASP A 222 -15.63 -1.98 -10.60
CA ASP A 222 -14.71 -0.94 -11.04
C ASP A 222 -15.27 -0.23 -12.27
N PHE A 223 -14.98 1.06 -12.39
CA PHE A 223 -15.50 1.86 -13.50
C PHE A 223 -14.75 1.59 -14.80
N ASN A 224 -13.55 1.01 -14.72
CA ASN A 224 -12.78 0.70 -15.90
C ASN A 224 -12.88 -0.78 -16.28
N SER A 225 -13.71 -1.05 -17.28
CA SER A 225 -14.03 -2.42 -17.69
C SER A 225 -12.82 -3.21 -18.19
N LYS A 226 -11.77 -2.49 -18.58
CA LYS A 226 -10.60 -3.14 -19.13
C LYS A 226 -9.75 -3.77 -18.02
N ARG A 227 -10.12 -3.49 -16.77
CA ARG A 227 -9.49 -4.14 -15.62
C ARG A 227 -10.11 -5.50 -15.30
N PHE A 228 -11.23 -5.82 -15.96
CA PHE A 228 -12.04 -6.98 -15.58
C PHE A 228 -11.43 -8.34 -15.90
N ASP A 229 -10.96 -8.53 -17.12
CA ASP A 229 -10.48 -9.84 -17.55
C ASP A 229 -9.33 -10.34 -16.67
N GLN A 230 -8.34 -9.48 -16.43
CA GLN A 230 -7.18 -9.86 -15.64
C GLN A 230 -7.56 -10.17 -14.17
N ALA A 231 -8.69 -9.64 -13.73
CA ALA A 231 -9.10 -9.80 -12.33
C ALA A 231 -9.44 -11.25 -11.97
N LYS A 232 -9.75 -12.07 -12.96
CA LYS A 232 -10.14 -13.44 -12.73
C LYS A 232 -8.95 -14.28 -12.22
N GLU A 233 -7.75 -13.88 -12.61
CA GLU A 233 -6.52 -14.54 -12.15
C GLU A 233 -6.36 -14.37 -10.65
N PHE A 234 -7.07 -13.39 -10.09
CA PHE A 234 -6.97 -13.07 -8.66
C PHE A 234 -8.13 -13.64 -7.86
N GLY A 235 -9.03 -14.36 -8.53
CA GLY A 235 -10.11 -15.04 -7.86
C GLY A 235 -11.47 -14.40 -8.06
N VAL A 236 -11.49 -13.23 -8.71
CA VAL A 236 -12.75 -12.56 -9.01
C VAL A 236 -13.57 -13.43 -9.95
N THR A 237 -14.83 -13.67 -9.62
CA THR A 237 -15.68 -14.57 -10.40
C THR A 237 -16.54 -13.81 -11.41
N GLU A 238 -16.91 -12.59 -11.08
CA GLU A 238 -17.55 -11.69 -12.06
C GLU A 238 -17.29 -10.24 -11.71
N CYS A 239 -17.35 -9.39 -12.72
CA CYS A 239 -17.14 -7.97 -12.53
C CYS A 239 -18.36 -7.18 -12.96
N VAL A 240 -18.58 -6.04 -12.30
CA VAL A 240 -19.71 -5.20 -12.60
C VAL A 240 -19.24 -3.77 -12.74
N ASN A 241 -19.65 -3.12 -13.83
CA ASN A 241 -19.36 -1.70 -14.03
C ASN A 241 -20.61 -0.91 -13.72
N PRO A 242 -20.58 -0.11 -12.65
CA PRO A 242 -21.77 0.65 -12.25
C PRO A 242 -22.37 1.46 -13.40
N LYS A 243 -21.53 1.88 -14.34
CA LYS A 243 -21.97 2.68 -15.47
C LYS A 243 -22.94 1.94 -16.39
N ASP A 244 -22.91 0.61 -16.37
CA ASP A 244 -23.79 -0.18 -17.24
C ASP A 244 -25.15 -0.43 -16.61
N HIS A 245 -25.41 0.17 -15.45
CA HIS A 245 -26.68 -0.03 -14.77
C HIS A 245 -27.32 1.29 -14.35
N ASP A 246 -28.64 1.36 -14.51
CA ASP A 246 -29.41 2.51 -14.09
C ASP A 246 -29.60 2.48 -12.58
N LYS A 247 -29.81 1.30 -12.04
CA LYS A 247 -29.99 1.14 -10.61
C LYS A 247 -28.71 1.45 -9.86
N PRO A 248 -28.83 1.92 -8.62
CA PRO A 248 -27.65 2.10 -7.77
C PRO A 248 -26.93 0.76 -7.62
N ILE A 249 -25.60 0.79 -7.62
CA ILE A 249 -24.82 -0.44 -7.64
C ILE A 249 -25.06 -1.34 -6.42
N GLN A 250 -25.39 -0.75 -5.27
CA GLN A 250 -25.68 -1.55 -4.07
C GLN A 250 -26.98 -2.34 -4.24
N GLN A 251 -27.89 -1.82 -5.06
CA GLN A 251 -29.13 -2.52 -5.36
C GLN A 251 -28.86 -3.66 -6.34
N VAL A 252 -27.98 -3.40 -7.30
CA VAL A 252 -27.58 -4.40 -8.27
C VAL A 252 -26.92 -5.59 -7.57
N ILE A 253 -26.00 -5.30 -6.66
CA ILE A 253 -25.29 -6.33 -5.91
C ILE A 253 -26.26 -7.11 -5.02
N ALA A 254 -27.18 -6.40 -4.37
CA ALA A 254 -28.15 -7.04 -3.50
C ALA A 254 -29.09 -7.97 -4.26
N GLU A 255 -29.40 -7.62 -5.50
CA GLU A 255 -30.27 -8.46 -6.33
C GLU A 255 -29.51 -9.68 -6.86
N MET A 256 -28.21 -9.52 -7.08
CA MET A 256 -27.37 -10.63 -7.51
C MET A 256 -27.24 -11.71 -6.44
N THR A 257 -27.36 -11.29 -5.17
CA THR A 257 -26.97 -12.15 -4.05
C THR A 257 -28.11 -12.40 -3.06
N ASP A 258 -29.34 -12.22 -3.50
CA ASP A 258 -30.51 -12.49 -2.67
C ASP A 258 -30.44 -11.75 -1.33
N GLY A 259 -30.17 -10.44 -1.39
CA GLY A 259 -30.17 -9.62 -0.19
C GLY A 259 -28.86 -8.89 0.05
N GLY A 260 -27.79 -9.31 -0.63
CA GLY A 260 -26.49 -8.68 -0.47
C GLY A 260 -25.38 -9.67 -0.17
N VAL A 261 -24.15 -9.24 -0.41
CA VAL A 261 -22.97 -10.06 -0.13
C VAL A 261 -22.73 -10.22 1.36
N ASP A 262 -22.00 -11.27 1.72
CA ASP A 262 -21.64 -11.52 3.12
C ASP A 262 -20.58 -10.54 3.59
N ARG A 263 -19.67 -10.18 2.69
CA ARG A 263 -18.59 -9.25 3.02
C ARG A 263 -18.34 -8.31 1.85
N SER A 264 -17.91 -7.10 2.18
CA SER A 264 -17.47 -6.16 1.15
C SER A 264 -16.19 -5.47 1.59
N VAL A 265 -15.42 -4.99 0.63
CA VAL A 265 -14.18 -4.28 0.92
C VAL A 265 -14.04 -3.12 -0.06
N GLU A 266 -14.02 -1.90 0.46
CA GLU A 266 -13.94 -0.70 -0.37
C GLU A 266 -12.49 -0.23 -0.45
N CYS A 267 -11.94 -0.21 -1.66
CA CYS A 267 -10.51 0.02 -1.83
C CYS A 267 -10.14 1.28 -2.63
N THR A 268 -11.12 2.03 -3.11
CA THR A 268 -10.84 3.20 -3.95
C THR A 268 -10.69 4.50 -3.15
N GLY A 269 -11.33 4.57 -1.98
CA GLY A 269 -11.32 5.80 -1.20
C GLY A 269 -12.45 6.75 -1.57
N SER A 270 -13.22 6.40 -2.60
CA SER A 270 -14.39 7.19 -2.97
C SER A 270 -15.45 7.06 -1.87
N VAL A 271 -15.95 8.20 -1.41
CA VAL A 271 -16.93 8.22 -0.33
C VAL A 271 -18.23 7.58 -0.78
N GLN A 272 -18.66 7.88 -2.00
CA GLN A 272 -19.85 7.27 -2.57
C GLN A 272 -19.69 5.76 -2.62
N ALA A 273 -18.46 5.31 -2.87
CA ALA A 273 -18.17 3.88 -2.92
C ALA A 273 -18.22 3.26 -1.53
N MET A 274 -17.79 4.02 -0.53
CA MET A 274 -17.89 3.57 0.87
C MET A 274 -19.34 3.34 1.24
N ILE A 275 -20.20 4.27 0.83
CA ILE A 275 -21.61 4.20 1.13
C ILE A 275 -22.23 2.98 0.44
N GLN A 276 -21.89 2.78 -0.83
CA GLN A 276 -22.40 1.64 -1.59
C GLN A 276 -21.88 0.32 -1.03
N ALA A 277 -20.61 0.30 -0.66
CA ALA A 277 -19.99 -0.91 -0.13
C ALA A 277 -20.68 -1.35 1.16
N PHE A 278 -21.03 -0.38 2.00
CA PHE A 278 -21.75 -0.69 3.23
C PHE A 278 -23.17 -1.20 2.95
N GLU A 279 -23.89 -0.52 2.06
CA GLU A 279 -25.29 -0.83 1.84
C GLU A 279 -25.50 -2.11 1.03
N CYS A 280 -24.47 -2.57 0.32
CA CYS A 280 -24.60 -3.76 -0.52
C CYS A 280 -24.40 -5.07 0.25
N VAL A 281 -24.01 -5.00 1.53
CA VAL A 281 -23.89 -6.24 2.31
C VAL A 281 -25.25 -6.66 2.85
N HIS A 282 -25.34 -7.94 3.18
CA HIS A 282 -26.60 -8.55 3.62
C HIS A 282 -26.94 -8.10 5.04
N ASP A 283 -28.23 -7.95 5.32
CA ASP A 283 -28.67 -7.66 6.67
C ASP A 283 -28.39 -8.89 7.53
N GLY A 284 -28.45 -8.74 8.85
CA GLY A 284 -28.25 -9.85 9.77
C GLY A 284 -26.81 -10.21 10.05
N TRP A 285 -26.00 -10.39 9.01
CA TRP A 285 -24.62 -10.85 9.19
C TRP A 285 -23.60 -10.14 8.30
N GLY A 286 -24.05 -9.17 7.51
CA GLY A 286 -23.17 -8.48 6.58
C GLY A 286 -22.15 -7.62 7.28
N VAL A 287 -20.92 -7.66 6.77
CA VAL A 287 -19.85 -6.83 7.30
C VAL A 287 -19.13 -6.12 6.18
N ALA A 288 -19.12 -4.79 6.23
CA ALA A 288 -18.41 -3.99 5.24
C ALA A 288 -17.11 -3.45 5.84
N VAL A 289 -16.06 -3.42 5.02
CA VAL A 289 -14.75 -2.97 5.46
C VAL A 289 -14.24 -1.85 4.56
N LEU A 290 -13.91 -0.71 5.18
CA LEU A 290 -13.35 0.41 4.44
C LEU A 290 -11.84 0.44 4.62
N VAL A 291 -11.10 0.60 3.53
CA VAL A 291 -9.65 0.70 3.61
C VAL A 291 -9.08 1.78 2.66
N GLY A 292 -9.75 2.02 1.54
CA GLY A 292 -9.39 3.11 0.66
C GLY A 292 -9.47 4.46 1.33
N VAL A 293 -8.45 5.29 1.14
CA VAL A 293 -8.35 6.59 1.78
C VAL A 293 -8.90 7.69 0.88
N PRO A 294 -9.85 8.49 1.38
CA PRO A 294 -10.53 9.50 0.57
C PRO A 294 -9.69 10.74 0.25
N SER A 295 -9.92 11.33 -0.92
CA SER A 295 -9.25 12.57 -1.30
C SER A 295 -10.11 13.79 -0.97
N LYS A 296 -11.42 13.59 -0.80
CA LYS A 296 -12.32 14.69 -0.45
C LYS A 296 -12.73 14.59 1.02
N ASP A 297 -13.42 15.61 1.51
CA ASP A 297 -13.87 15.62 2.91
C ASP A 297 -15.36 15.29 3.05
N ASP A 298 -16.00 14.85 1.97
CA ASP A 298 -17.41 14.47 2.02
C ASP A 298 -17.65 13.42 3.11
N ALA A 299 -18.78 13.54 3.79
CA ALA A 299 -19.12 12.67 4.90
C ALA A 299 -19.69 11.33 4.41
N PHE A 300 -19.41 10.28 5.16
CA PHE A 300 -20.13 9.02 4.99
C PHE A 300 -21.54 9.21 5.50
N LYS A 301 -22.53 8.85 4.69
CA LYS A 301 -23.93 9.03 5.06
C LYS A 301 -24.76 7.80 4.72
N THR A 302 -25.68 7.44 5.61
CA THR A 302 -26.59 6.32 5.36
C THR A 302 -27.75 6.33 6.35
N HIS A 303 -28.88 5.75 5.96
CA HIS A 303 -30.05 5.67 6.83
C HIS A 303 -29.72 4.71 7.98
N PRO A 304 -29.91 5.17 9.23
CA PRO A 304 -29.56 4.37 10.42
C PRO A 304 -30.10 2.93 10.44
N MET A 305 -31.30 2.71 9.92
CA MET A 305 -31.91 1.38 9.89
C MET A 305 -31.05 0.37 9.14
N ASN A 306 -30.20 0.84 8.23
CA ASN A 306 -29.27 -0.05 7.54
C ASN A 306 -28.34 -0.71 8.56
N PHE A 307 -28.05 0.00 9.65
CA PHE A 307 -27.26 -0.56 10.73
C PHE A 307 -28.10 -1.40 11.67
N LEU A 308 -29.24 -0.86 12.10
CA LEU A 308 -30.10 -1.54 13.07
C LEU A 308 -30.64 -2.83 12.51
N ASN A 309 -30.61 -2.97 11.19
CA ASN A 309 -30.94 -4.25 10.55
C ASN A 309 -29.75 -5.21 10.60
N GLU A 310 -28.82 -4.93 11.51
CA GLU A 310 -27.74 -5.85 11.87
C GLU A 310 -26.64 -5.94 10.80
N ARG A 311 -26.21 -4.77 10.35
CA ARG A 311 -25.03 -4.65 9.52
C ARG A 311 -23.90 -4.12 10.39
N THR A 312 -22.67 -4.31 9.91
CA THR A 312 -21.50 -3.87 10.64
C THR A 312 -20.55 -3.19 9.68
N LEU A 313 -19.95 -2.08 10.11
CA LEU A 313 -19.02 -1.32 9.28
C LEU A 313 -17.69 -1.16 10.00
N LYS A 314 -16.63 -1.61 9.34
CA LYS A 314 -15.31 -1.64 9.93
C LYS A 314 -14.36 -0.83 9.06
N GLY A 315 -13.54 -0.01 9.70
CA GLY A 315 -12.48 0.68 8.99
C GLY A 315 -11.15 0.07 9.37
N THR A 316 -10.22 0.04 8.43
CA THR A 316 -8.90 -0.50 8.70
C THR A 316 -7.81 0.31 8.02
N PHE A 317 -6.59 0.13 8.52
CA PHE A 317 -5.42 0.86 8.03
C PHE A 317 -4.31 -0.16 7.79
N PHE A 318 -3.79 -0.15 6.57
CA PHE A 318 -2.75 -1.10 6.19
C PHE A 318 -3.14 -2.55 6.49
N GLY A 319 -4.41 -2.87 6.28
CA GLY A 319 -4.88 -4.24 6.40
C GLY A 319 -4.75 -4.79 7.81
N ASN A 320 -4.60 -3.89 8.77
CA ASN A 320 -4.39 -4.26 10.17
C ASN A 320 -3.14 -5.11 10.39
N TYR A 321 -2.21 -5.06 9.45
CA TYR A 321 -0.92 -5.72 9.62
C TYR A 321 0.01 -4.85 10.47
N LYS A 322 0.72 -5.48 11.41
CA LYS A 322 1.78 -4.81 12.13
C LYS A 322 3.05 -4.90 11.28
N PRO A 323 3.59 -3.74 10.87
CA PRO A 323 4.70 -3.68 9.91
C PRO A 323 5.88 -4.62 10.21
N LYS A 324 6.43 -4.56 11.42
CA LYS A 324 7.59 -5.37 11.75
C LYS A 324 7.21 -6.78 12.18
N THR A 325 6.10 -6.92 12.90
CA THR A 325 5.68 -8.23 13.40
C THR A 325 5.05 -9.12 12.32
N ASP A 326 4.19 -8.55 11.47
CA ASP A 326 3.40 -9.35 10.53
C ASP A 326 3.95 -9.46 9.11
N ILE A 327 4.55 -8.39 8.59
CA ILE A 327 4.90 -8.34 7.17
C ILE A 327 5.92 -9.42 6.78
N PRO A 328 6.89 -9.72 7.66
CA PRO A 328 7.76 -10.84 7.34
C PRO A 328 6.96 -12.13 7.15
N GLY A 329 5.89 -12.29 7.93
CA GLY A 329 5.03 -13.45 7.80
C GLY A 329 4.33 -13.50 6.46
N VAL A 330 4.00 -12.34 5.92
CA VAL A 330 3.34 -12.27 4.62
C VAL A 330 4.30 -12.72 3.52
N VAL A 331 5.57 -12.38 3.65
CA VAL A 331 6.59 -12.83 2.71
C VAL A 331 6.71 -14.35 2.75
N GLU A 332 6.62 -14.92 3.95
CA GLU A 332 6.65 -16.39 4.09
C GLU A 332 5.45 -17.03 3.39
N LYS A 333 4.28 -16.41 3.54
CA LYS A 333 3.07 -16.91 2.89
C LYS A 333 3.32 -17.07 1.38
N TYR A 334 4.19 -16.23 0.83
CA TYR A 334 4.58 -16.33 -0.58
C TYR A 334 5.63 -17.41 -0.77
N MET A 335 6.61 -17.47 0.13
CA MET A 335 7.65 -18.50 0.07
C MET A 335 7.00 -19.89 0.14
N ASN A 336 6.02 -20.05 1.02
CA ASN A 336 5.33 -21.32 1.19
C ASN A 336 4.21 -21.54 0.17
N LYS A 337 4.16 -20.68 -0.85
CA LYS A 337 3.27 -20.87 -1.99
C LYS A 337 1.77 -20.72 -1.72
N GLU A 338 1.39 -20.06 -0.63
CA GLU A 338 -0.02 -19.73 -0.42
C GLU A 338 -0.36 -18.46 -1.21
N LEU A 339 0.57 -17.51 -1.20
CA LEU A 339 0.34 -16.22 -1.83
C LEU A 339 1.07 -16.15 -3.17
N GLU A 340 0.36 -15.73 -4.21
CA GLU A 340 0.91 -15.69 -5.56
C GLU A 340 1.12 -14.23 -5.98
N LEU A 341 2.38 -13.82 -6.07
CA LEU A 341 2.73 -12.42 -6.30
C LEU A 341 3.01 -12.10 -7.77
N GLU A 342 3.44 -13.10 -8.53
CA GLU A 342 3.92 -12.86 -9.89
C GLU A 342 2.88 -12.16 -10.77
N LYS A 343 1.61 -12.55 -10.58
CA LYS A 343 0.52 -12.01 -11.38
C LYS A 343 0.24 -10.53 -11.10
N PHE A 344 0.77 -10.02 -10.00
CA PHE A 344 0.61 -8.60 -9.68
C PHE A 344 1.58 -7.74 -10.49
N ILE A 345 2.63 -8.37 -11.00
CA ILE A 345 3.68 -7.67 -11.74
C ILE A 345 3.44 -7.70 -13.24
N THR A 346 3.06 -6.56 -13.80
CA THR A 346 2.69 -6.48 -15.22
C THR A 346 3.76 -5.79 -16.07
N HIS A 347 4.66 -5.07 -15.42
CA HIS A 347 5.68 -4.31 -16.13
C HIS A 347 6.99 -4.30 -15.35
N THR A 348 8.08 -4.01 -16.05
CA THR A 348 9.38 -3.83 -15.42
C THR A 348 10.18 -2.80 -16.21
N VAL A 349 10.85 -1.89 -15.52
CA VAL A 349 11.71 -0.91 -16.17
C VAL A 349 12.97 -0.69 -15.34
N PRO A 350 14.04 -0.19 -15.99
CA PRO A 350 15.21 0.24 -15.22
C PRO A 350 14.98 1.58 -14.54
N PHE A 351 15.72 1.83 -13.47
CA PHE A 351 15.60 3.08 -12.73
C PHE A 351 15.74 4.29 -13.67
N SER A 352 16.57 4.17 -14.70
CA SER A 352 16.79 5.27 -15.63
C SER A 352 15.53 5.63 -16.43
N GLU A 353 14.58 4.71 -16.48
CA GLU A 353 13.33 4.94 -17.20
C GLU A 353 12.14 4.89 -16.24
N ILE A 354 12.36 5.36 -15.02
CA ILE A 354 11.35 5.32 -13.96
C ILE A 354 10.04 6.03 -14.35
N ASN A 355 10.15 7.11 -15.11
CA ASN A 355 8.96 7.87 -15.51
C ASN A 355 7.97 7.02 -16.32
N LYS A 356 8.46 5.95 -16.95
CA LYS A 356 7.56 5.03 -17.66
C LYS A 356 6.55 4.39 -16.71
N ALA A 357 6.97 4.12 -15.47
CA ALA A 357 6.08 3.53 -14.49
C ALA A 357 4.92 4.47 -14.20
N PHE A 358 5.18 5.78 -14.26
CA PHE A 358 4.14 6.77 -14.08
C PHE A 358 3.17 6.70 -15.25
N ASP A 359 3.71 6.61 -16.46
CA ASP A 359 2.90 6.50 -17.66
C ASP A 359 1.95 5.31 -17.60
N TYR A 360 2.49 4.13 -17.27
CA TYR A 360 1.68 2.92 -17.22
C TYR A 360 0.54 3.04 -16.21
N MET A 361 0.80 3.72 -15.09
CA MET A 361 -0.21 3.85 -14.05
C MET A 361 -1.28 4.86 -14.45
N LEU A 362 -0.85 5.95 -15.05
CA LEU A 362 -1.78 7.01 -15.44
C LEU A 362 -2.67 6.56 -16.61
N LYS A 363 -2.20 5.58 -17.37
CA LYS A 363 -2.98 5.02 -18.47
C LYS A 363 -3.84 3.82 -18.05
N GLY A 364 -3.79 3.48 -16.76
CA GLY A 364 -4.53 2.32 -16.26
C GLY A 364 -4.05 1.00 -16.85
N GLU A 365 -2.81 0.95 -17.31
CA GLU A 365 -2.29 -0.23 -17.99
C GLU A 365 -1.64 -1.25 -17.05
N SER A 366 -1.22 -0.82 -15.87
CA SER A 366 -0.43 -1.65 -14.99
C SER A 366 -1.16 -2.00 -13.70
N ILE A 367 -0.72 -3.09 -13.07
CA ILE A 367 -1.04 -3.34 -11.67
C ILE A 367 0.16 -2.84 -10.86
N ARG A 368 1.27 -3.57 -10.94
CA ARG A 368 2.53 -3.09 -10.41
C ARG A 368 3.65 -3.14 -11.45
N CYS A 369 4.45 -2.08 -11.48
CA CYS A 369 5.63 -2.02 -12.32
C CYS A 369 6.88 -2.05 -11.43
N ILE A 370 7.74 -3.04 -11.65
CA ILE A 370 8.95 -3.13 -10.86
C ILE A 370 10.03 -2.26 -11.47
N ILE A 371 10.63 -1.41 -10.63
CA ILE A 371 11.73 -0.56 -11.04
C ILE A 371 13.03 -1.15 -10.49
N THR A 372 14.01 -1.33 -11.37
CA THR A 372 15.22 -2.05 -11.02
C THR A 372 16.43 -1.08 -10.97
N MET A 373 17.06 -1.02 -9.81
CA MET A 373 18.17 -0.09 -9.62
C MET A 373 19.43 -0.61 -10.29
N GLY A 374 20.30 0.31 -10.70
CA GLY A 374 21.60 -0.04 -11.24
C GLY A 374 21.60 -0.16 -12.74
N ALA A 375 20.49 0.20 -13.37
CA ALA A 375 20.40 0.18 -14.82
C ALA A 375 19.54 1.35 -15.32
ZN ZN B . 4.24 1.91 18.63
ZN ZN C . 1.16 2.80 -1.17
S SO4 D . -2.88 1.06 -7.04
O1 SO4 D . -2.56 -0.27 -7.55
O2 SO4 D . -4.03 0.96 -6.13
O3 SO4 D . -1.73 1.58 -6.31
O4 SO4 D . -3.20 1.92 -8.18
S SO4 E . -30.39 -1.83 -14.62
O1 SO4 E . -29.88 -1.05 -15.74
O2 SO4 E . -30.11 -3.25 -14.82
O3 SO4 E . -29.75 -1.38 -13.39
O4 SO4 E . -31.83 -1.63 -14.50
S SO4 F . -16.20 10.66 -4.27
O1 SO4 F . -15.20 10.28 -5.27
O2 SO4 F . -17.19 9.59 -4.13
O3 SO4 F . -15.54 10.89 -2.98
O4 SO4 F . -16.87 11.88 -4.69
C ACY G . -0.54 4.44 0.98
O ACY G . -0.37 4.03 -0.18
OXT ACY G . -1.66 4.72 1.46
CH3 ACY G . 0.66 4.60 1.87
H1 ACY G . 1.56 4.45 1.29
H2 ACY G . 0.66 5.61 2.31
H3 ACY G . 0.61 3.86 2.67
#